data_8HFP
#
_entry.id   8HFP
#
_cell.length_a   69.970
_cell.length_b   69.970
_cell.length_c   116.880
_cell.angle_alpha   90.00
_cell.angle_beta   90.00
_cell.angle_gamma   120.00
#
_symmetry.space_group_name_H-M   'P 31 2 1'
#
loop_
_entity.id
_entity.type
_entity.pdbx_description
1 polymer 'ARL14 effector protein'
2 polymer 'Histone-lysine N-methyltransferase SETDB2'
3 non-polymer 'ZINC ION'
4 non-polymer 'SULFATE ION'
5 water water
#
loop_
_entity_poly.entity_id
_entity_poly.type
_entity_poly.pdbx_seq_one_letter_code
_entity_poly.pdbx_strand_id
1 'polypeptide(L)' GPQVIPAKSKVYDSQGLLIFSGMDLCDCLDEDCLGCFYACPACGSTKCGAECRCDRKWLYEQIEIEGGEIIHNKHAG A,B
2 'polypeptide(L)'
;MEKDSSSNLSYQSHDCSGACLMKMPLNLKGENPLQLPIKCHFQRRHAKTNSHSSALHVSYKTPCGRSLRNVEEVFRYLLE
TECNFLFTDNFSFNTYVQLARNYPKQKE
;
C,D
#
loop_
_chem_comp.id
_chem_comp.type
_chem_comp.name
_chem_comp.formula
SO4 non-polymer 'SULFATE ION' 'O4 S -2'
ZN non-polymer 'ZINC ION' 'Zn 2'
#
# COMPACT_ATOMS: atom_id res chain seq x y z
N SER A 9 -23.78 -18.43 6.11
CA SER A 9 -23.73 -18.76 7.58
C SER A 9 -22.27 -18.79 8.04
N LYS A 10 -22.04 -18.85 9.35
CA LYS A 10 -20.69 -18.81 9.96
C LYS A 10 -19.91 -20.05 9.51
N VAL A 11 -18.60 -19.92 9.27
CA VAL A 11 -17.67 -21.08 9.11
C VAL A 11 -16.93 -21.33 10.43
N TYR A 12 -16.65 -20.29 11.22
CA TYR A 12 -15.95 -20.40 12.51
C TYR A 12 -16.88 -19.89 13.60
N ASP A 13 -16.68 -20.39 14.81
CA ASP A 13 -17.41 -19.93 16.02
C ASP A 13 -16.79 -18.60 16.53
N SER A 14 -17.27 -18.10 17.66
CA SER A 14 -16.89 -16.78 18.23
C SER A 14 -15.43 -16.77 18.68
N GLN A 15 -14.79 -17.93 18.80
CA GLN A 15 -13.37 -18.06 19.21
C GLN A 15 -12.45 -18.30 18.00
N GLY A 16 -12.99 -18.46 16.79
CA GLY A 16 -12.22 -18.79 15.58
C GLY A 16 -11.86 -20.27 15.46
N LEU A 17 -12.65 -21.13 16.09
CA LEU A 17 -12.60 -22.60 15.86
C LEU A 17 -13.58 -22.94 14.72
N LEU A 18 -13.22 -23.91 13.87
CA LEU A 18 -14.10 -24.35 12.77
C LEU A 18 -15.36 -24.95 13.39
N ILE A 19 -16.53 -24.57 12.89
CA ILE A 19 -17.83 -25.13 13.37
C ILE A 19 -17.87 -26.64 13.08
N PHE A 20 -17.53 -27.04 11.87
CA PHE A 20 -17.63 -28.45 11.40
C PHE A 20 -16.89 -29.42 12.33
N SER A 21 -15.65 -29.12 12.71
CA SER A 21 -14.71 -30.05 13.39
C SER A 21 -14.20 -29.54 14.75
N GLY A 22 -14.39 -28.25 15.05
CA GLY A 22 -13.85 -27.62 16.28
C GLY A 22 -12.35 -27.31 16.21
N MET A 23 -11.68 -27.54 15.09
CA MET A 23 -10.21 -27.39 15.02
C MET A 23 -9.80 -25.92 14.92
N ASP A 24 -8.62 -25.63 15.49
CA ASP A 24 -7.97 -24.31 15.59
C ASP A 24 -6.87 -24.29 14.53
N LEU A 25 -7.16 -23.79 13.32
CA LEU A 25 -6.25 -23.86 12.14
C LEU A 25 -5.73 -22.49 11.70
N CYS A 26 -4.41 -22.42 11.45
CA CYS A 26 -3.74 -21.21 10.91
C CYS A 26 -4.23 -20.91 9.50
N ASP A 27 -4.45 -19.64 9.19
CA ASP A 27 -4.86 -19.17 7.85
C ASP A 27 -3.72 -19.33 6.81
N CYS A 28 -2.49 -19.73 7.16
CA CYS A 28 -1.43 -20.04 6.18
C CYS A 28 -1.71 -21.40 5.49
N LEU A 29 -2.66 -22.19 6.00
CA LEU A 29 -3.21 -23.46 5.42
C LEU A 29 -2.23 -24.64 5.63
N ASP A 30 -1.16 -24.48 6.37
CA ASP A 30 -0.40 -25.64 6.90
C ASP A 30 -1.15 -26.09 8.15
N GLU A 31 -1.83 -27.25 8.06
CA GLU A 31 -2.74 -27.75 9.11
C GLU A 31 -1.96 -27.86 10.42
N ASP A 32 -0.66 -28.10 10.37
CA ASP A 32 0.16 -28.34 11.58
C ASP A 32 0.78 -27.03 12.06
N CYS A 33 0.49 -25.88 11.42
CA CYS A 33 1.17 -24.63 11.83
C CYS A 33 0.71 -24.28 13.26
N LEU A 34 1.64 -23.87 14.11
CA LEU A 34 1.35 -23.31 15.47
C LEU A 34 0.62 -21.94 15.44
N GLY A 35 0.60 -21.25 14.31
CA GLY A 35 0.18 -19.85 14.20
C GLY A 35 1.36 -18.94 13.93
N CYS A 36 1.51 -18.59 12.68
CA CYS A 36 2.76 -17.92 12.19
C CYS A 36 2.56 -16.41 12.05
N PHE A 37 1.37 -15.90 12.36
CA PHE A 37 1.07 -14.44 12.30
C PHE A 37 1.46 -13.79 13.63
N TYR A 38 1.66 -12.48 13.59
CA TYR A 38 1.64 -11.63 14.79
C TYR A 38 0.24 -11.75 15.41
N ALA A 39 0.07 -11.41 16.68
CA ALA A 39 -1.25 -11.43 17.35
C ALA A 39 -2.27 -10.69 16.51
N CYS A 40 -3.40 -11.32 16.25
CA CYS A 40 -4.55 -10.72 15.56
C CYS A 40 -5.02 -9.51 16.36
N PRO A 41 -5.20 -8.35 15.71
CA PRO A 41 -5.67 -7.14 16.39
C PRO A 41 -7.08 -7.27 16.99
N ALA A 42 -7.86 -8.19 16.46
CA ALA A 42 -9.25 -8.39 16.91
C ALA A 42 -9.33 -9.40 18.05
N CYS A 43 -8.62 -10.55 18.00
CA CYS A 43 -8.83 -11.64 19.00
C CYS A 43 -7.52 -12.04 19.70
N GLY A 44 -6.35 -11.56 19.24
CA GLY A 44 -5.05 -11.95 19.81
C GLY A 44 -4.42 -13.17 19.18
N SER A 45 -5.15 -13.94 18.36
CA SER A 45 -4.65 -15.28 17.89
C SER A 45 -3.52 -15.07 16.86
N THR A 46 -2.55 -15.97 16.87
CA THR A 46 -1.46 -15.95 15.87
C THR A 46 -1.86 -16.78 14.64
N LYS A 47 -3.13 -17.22 14.53
CA LYS A 47 -3.61 -18.05 13.42
C LYS A 47 -4.50 -17.25 12.45
N CYS A 48 -4.94 -16.05 12.80
CA CYS A 48 -5.82 -15.25 11.92
C CYS A 48 -4.98 -14.57 10.82
N GLY A 49 -5.44 -14.64 9.57
CA GLY A 49 -4.83 -13.91 8.43
C GLY A 49 -5.29 -12.46 8.36
N ALA A 50 -5.54 -11.97 7.17
CA ALA A 50 -5.91 -10.56 6.87
C ALA A 50 -7.19 -10.19 7.61
N GLU A 51 -8.11 -11.15 7.76
CA GLU A 51 -9.40 -10.93 8.46
C GLU A 51 -9.49 -11.94 9.60
N CYS A 52 -9.91 -11.49 10.78
CA CYS A 52 -10.08 -12.33 12.00
C CYS A 52 -10.95 -13.55 11.61
N ARG A 53 -10.57 -14.73 12.11
CA ARG A 53 -11.33 -16.01 11.95
C ARG A 53 -12.65 -15.99 12.77
N CYS A 54 -12.72 -15.27 13.86
CA CYS A 54 -13.87 -15.30 14.80
C CYS A 54 -15.15 -14.91 14.06
N ASP A 55 -16.13 -15.79 13.99
CA ASP A 55 -17.45 -15.57 13.32
C ASP A 55 -17.27 -15.37 11.82
N ARG A 56 -16.12 -15.72 11.26
CA ARG A 56 -15.92 -15.41 9.83
C ARG A 56 -16.79 -16.36 9.00
N LYS A 57 -17.24 -15.91 7.82
CA LYS A 57 -18.22 -16.63 6.98
C LYS A 57 -17.55 -17.27 5.76
N TRP A 58 -16.24 -17.36 5.78
CA TRP A 58 -15.44 -17.90 4.67
C TRP A 58 -14.11 -18.41 5.21
N LEU A 59 -13.47 -19.27 4.43
CA LEU A 59 -12.09 -19.75 4.72
C LEU A 59 -11.33 -19.65 3.40
N TYR A 60 -10.02 -19.82 3.43
CA TYR A 60 -9.19 -19.77 2.22
C TYR A 60 -9.22 -21.16 1.58
N GLU A 61 -9.55 -21.20 0.29
CA GLU A 61 -9.63 -22.47 -0.48
C GLU A 61 -8.21 -22.82 -0.89
N GLN A 62 -7.39 -21.83 -1.22
CA GLN A 62 -6.00 -22.10 -1.63
C GLN A 62 -5.17 -20.84 -1.47
N ILE A 63 -3.87 -21.05 -1.43
CA ILE A 63 -2.84 -19.98 -1.40
C ILE A 63 -1.88 -20.24 -2.55
N GLU A 64 -1.66 -19.22 -3.36
CA GLU A 64 -0.72 -19.28 -4.51
C GLU A 64 0.55 -18.55 -4.10
N ILE A 65 1.67 -19.27 -4.06
CA ILE A 65 3.02 -18.67 -3.92
C ILE A 65 3.39 -18.05 -5.26
N GLU A 66 3.70 -16.76 -5.27
CA GLU A 66 4.10 -16.02 -6.49
C GLU A 66 5.41 -16.66 -6.99
N GLY A 67 5.40 -17.19 -8.21
CA GLY A 67 6.53 -17.90 -8.83
C GLY A 67 6.62 -19.36 -8.39
N GLY A 68 5.66 -19.85 -7.62
CA GLY A 68 5.79 -21.11 -6.85
C GLY A 68 4.55 -21.99 -6.87
N GLU A 69 4.43 -22.82 -5.83
CA GLU A 69 3.37 -23.84 -5.66
C GLU A 69 2.04 -23.15 -5.33
N ILE A 70 0.94 -23.78 -5.71
CA ILE A 70 -0.41 -23.56 -5.10
C ILE A 70 -0.53 -24.49 -3.90
N ILE A 71 -1.01 -23.98 -2.76
CA ILE A 71 -1.27 -24.76 -1.51
C ILE A 71 -2.78 -24.90 -1.41
N HIS A 72 -3.31 -26.12 -1.25
CA HIS A 72 -4.77 -26.34 -1.14
C HIS A 72 -5.16 -26.52 0.32
N ASN A 73 -6.36 -26.05 0.67
CA ASN A 73 -6.93 -26.29 2.02
C ASN A 73 -7.16 -27.79 2.15
N LYS A 74 -6.48 -28.43 3.11
CA LYS A 74 -6.52 -29.91 3.28
C LYS A 74 -7.89 -30.34 3.83
N HIS A 75 -8.69 -29.42 4.37
CA HIS A 75 -9.93 -29.72 5.13
C HIS A 75 -11.14 -29.60 4.20
N ALA A 76 -11.22 -28.52 3.41
CA ALA A 76 -12.27 -28.27 2.38
C ALA A 76 -12.19 -29.36 1.30
N LEU B 9 8.13 -22.69 3.75
CA LEU B 9 8.65 -21.79 4.83
C LEU B 9 7.88 -22.06 6.13
N SER B 10 8.08 -23.27 6.67
CA SER B 10 7.54 -23.74 7.96
C SER B 10 7.90 -22.73 9.07
N TYR B 11 7.05 -22.62 10.09
CA TYR B 11 7.27 -21.70 11.24
C TYR B 11 7.51 -22.55 12.48
N GLN B 12 8.52 -22.20 13.26
CA GLN B 12 8.75 -22.68 14.64
C GLN B 12 8.52 -21.47 15.56
N SER B 13 7.77 -21.65 16.64
CA SER B 13 7.39 -20.55 17.55
C SER B 13 8.66 -19.88 18.09
N HIS B 14 8.85 -18.57 17.85
CA HIS B 14 10.04 -17.80 18.30
C HIS B 14 9.73 -16.31 18.36
N ASP B 15 10.58 -15.54 19.06
CA ASP B 15 10.63 -14.06 19.01
C ASP B 15 11.65 -13.68 17.92
N CYS B 16 11.30 -12.82 16.98
CA CYS B 16 12.24 -12.53 15.86
C CYS B 16 13.40 -11.70 16.37
N SER B 17 14.58 -11.84 15.73
CA SER B 17 15.83 -11.09 15.99
C SER B 17 16.59 -10.95 14.68
N GLY B 18 17.79 -10.36 14.72
CA GLY B 18 18.70 -10.30 13.56
C GLY B 18 18.98 -11.66 12.95
N ALA B 19 18.99 -12.74 13.72
CA ALA B 19 19.35 -14.07 13.18
C ALA B 19 18.28 -14.59 12.21
N CYS B 20 17.05 -14.07 12.27
CA CYS B 20 15.98 -14.47 11.33
C CYS B 20 16.37 -14.12 9.88
N LEU B 21 17.25 -13.12 9.68
CA LEU B 21 17.50 -12.43 8.39
C LEU B 21 18.99 -12.22 8.16
N GLY B 30 19.93 -5.61 -7.99
CA GLY B 30 18.56 -5.92 -8.44
C GLY B 30 17.97 -4.82 -9.33
N GLU B 31 17.60 -5.19 -10.56
CA GLU B 31 16.86 -4.34 -11.54
C GLU B 31 15.48 -3.97 -10.98
N ASN B 32 14.86 -4.88 -10.22
CA ASN B 32 13.44 -4.77 -9.77
C ASN B 32 13.41 -4.70 -8.24
N PRO B 33 13.13 -3.52 -7.63
CA PRO B 33 13.07 -3.44 -6.16
C PRO B 33 11.96 -4.31 -5.55
N LEU B 34 10.89 -4.61 -6.30
CA LEU B 34 9.75 -5.47 -5.87
C LEU B 34 10.25 -6.91 -5.69
N GLN B 35 11.31 -7.33 -6.39
CA GLN B 35 11.86 -8.71 -6.28
C GLN B 35 12.87 -8.79 -5.14
N LEU B 36 13.32 -7.67 -4.56
CA LEU B 36 14.42 -7.76 -3.53
C LEU B 36 14.04 -8.65 -2.35
N PRO B 37 12.85 -8.51 -1.68
CA PRO B 37 12.50 -9.42 -0.59
C PRO B 37 12.52 -10.88 -1.04
N ILE B 38 12.11 -11.17 -2.28
CA ILE B 38 12.03 -12.57 -2.80
C ILE B 38 13.45 -13.14 -2.92
N LYS B 39 14.40 -12.30 -3.33
CA LYS B 39 15.85 -12.64 -3.34
C LYS B 39 16.35 -12.87 -1.90
N CYS B 40 15.79 -12.18 -0.90
CA CYS B 40 16.16 -12.34 0.53
C CYS B 40 15.33 -13.46 1.18
N HIS B 41 14.67 -14.31 0.39
CA HIS B 41 13.98 -15.57 0.84
C HIS B 41 12.63 -15.27 1.53
N PHE B 42 12.04 -14.09 1.32
CA PHE B 42 10.61 -13.87 1.60
C PHE B 42 9.82 -14.56 0.49
N GLN B 43 8.55 -14.87 0.73
CA GLN B 43 7.59 -15.27 -0.31
C GLN B 43 6.43 -14.28 -0.33
N ARG B 44 5.87 -14.04 -1.51
CA ARG B 44 4.63 -13.27 -1.65
C ARG B 44 3.51 -14.25 -1.97
N ARG B 45 2.45 -14.21 -1.16
CA ARG B 45 1.39 -15.23 -1.16
C ARG B 45 0.07 -14.57 -1.48
N HIS B 46 -0.71 -15.22 -2.34
CA HIS B 46 -2.06 -14.77 -2.74
C HIS B 46 -3.11 -15.76 -2.25
N ALA B 47 -3.88 -15.38 -1.24
CA ALA B 47 -4.87 -16.24 -0.56
C ALA B 47 -6.23 -16.01 -1.22
N LYS B 48 -6.87 -17.09 -1.66
CA LYS B 48 -8.19 -17.06 -2.35
C LYS B 48 -9.27 -17.60 -1.43
N THR B 49 -10.26 -16.77 -1.10
CA THR B 49 -11.40 -17.11 -0.22
C THR B 49 -12.32 -18.08 -0.96
N ASN B 50 -13.24 -18.71 -0.23
CA ASN B 50 -14.21 -19.68 -0.80
C ASN B 50 -15.57 -19.00 -0.97
N SER B 51 -15.68 -17.69 -0.69
CA SER B 51 -16.88 -16.85 -0.95
C SER B 51 -17.31 -17.05 -2.42
N HIS B 52 -18.62 -17.09 -2.68
CA HIS B 52 -19.20 -17.35 -4.03
C HIS B 52 -18.54 -16.39 -5.02
N SER B 53 -18.49 -15.09 -4.67
CA SER B 53 -17.60 -14.08 -5.29
C SER B 53 -16.27 -14.02 -4.49
N SER B 54 -15.21 -14.59 -5.07
CA SER B 54 -13.88 -14.77 -4.42
C SER B 54 -13.19 -13.42 -4.14
N ALA B 55 -12.59 -13.26 -2.96
CA ALA B 55 -11.61 -12.18 -2.62
C ALA B 55 -10.20 -12.77 -2.58
N LEU B 56 -9.22 -11.95 -2.92
CA LEU B 56 -7.78 -12.28 -2.78
C LEU B 56 -7.20 -11.38 -1.68
N HIS B 57 -6.35 -11.95 -0.83
CA HIS B 57 -5.53 -11.20 0.15
C HIS B 57 -4.08 -11.57 -0.15
N VAL B 58 -3.23 -10.57 -0.27
CA VAL B 58 -1.76 -10.74 -0.34
C VAL B 58 -1.23 -10.77 1.10
N SER B 59 -0.31 -11.67 1.35
CA SER B 59 0.53 -11.67 2.55
C SER B 59 1.96 -11.94 2.10
N TYR B 60 2.92 -11.60 2.95
CA TYR B 60 4.32 -12.07 2.78
C TYR B 60 4.61 -13.11 3.87
N LYS B 61 5.44 -14.07 3.52
CA LYS B 61 6.06 -14.99 4.50
C LYS B 61 7.54 -14.61 4.53
N THR B 62 8.08 -14.49 5.73
CA THR B 62 9.46 -14.05 5.96
C THR B 62 10.39 -15.26 5.85
N PRO B 63 11.72 -15.03 5.84
CA PRO B 63 12.67 -16.17 5.81
C PRO B 63 12.52 -17.13 7.00
N CYS B 64 12.06 -16.64 8.16
CA CYS B 64 11.86 -17.43 9.40
C CYS B 64 10.40 -17.92 9.52
N GLY B 65 9.59 -17.73 8.50
CA GLY B 65 8.26 -18.36 8.44
C GLY B 65 7.17 -17.50 9.06
N ARG B 66 7.47 -16.26 9.45
CA ARG B 66 6.42 -15.37 10.01
C ARG B 66 5.52 -14.95 8.84
N SER B 67 4.21 -14.87 9.07
CA SER B 67 3.30 -14.32 8.02
C SER B 67 3.07 -12.84 8.35
N LEU B 68 3.10 -11.98 7.34
CA LEU B 68 2.83 -10.52 7.51
C LEU B 68 1.57 -10.09 6.75
N ARG B 69 0.66 -9.37 7.42
CA ARG B 69 -0.67 -9.06 6.89
C ARG B 69 -0.69 -7.74 6.11
N ASN B 70 0.26 -6.87 6.36
CA ASN B 70 0.20 -5.46 5.91
C ASN B 70 1.57 -4.77 6.10
N VAL B 71 1.68 -3.53 5.62
CA VAL B 71 2.96 -2.78 5.65
C VAL B 71 3.36 -2.44 7.08
N GLU B 72 2.41 -2.18 7.97
CA GLU B 72 2.67 -1.93 9.42
C GLU B 72 3.38 -3.16 10.02
N GLU B 73 2.92 -4.37 9.69
CA GLU B 73 3.59 -5.59 10.20
C GLU B 73 4.92 -5.84 9.50
N VAL B 74 5.09 -5.43 8.25
CA VAL B 74 6.39 -5.50 7.58
C VAL B 74 7.35 -4.63 8.41
N PHE B 75 6.92 -3.43 8.74
CA PHE B 75 7.74 -2.45 9.51
C PHE B 75 8.15 -3.08 10.86
N ARG B 76 7.19 -3.64 11.58
CA ARG B 76 7.47 -4.34 12.86
C ARG B 76 8.54 -5.43 12.65
N TYR B 77 8.42 -6.22 11.59
CA TYR B 77 9.34 -7.36 11.32
C TYR B 77 10.74 -6.83 11.01
N LEU B 78 10.84 -5.76 10.21
CA LEU B 78 12.16 -5.20 9.87
C LEU B 78 12.80 -4.56 11.12
N LEU B 79 12.00 -4.01 12.03
CA LEU B 79 12.50 -3.47 13.32
C LEU B 79 13.05 -4.60 14.18
N GLU B 80 12.29 -5.68 14.32
CA GLU B 80 12.67 -6.83 15.19
C GLU B 80 13.93 -7.51 14.63
N THR B 81 14.08 -7.57 13.30
CA THR B 81 15.18 -8.29 12.61
C THR B 81 16.37 -7.34 12.32
N GLU B 82 16.28 -6.05 12.69
CA GLU B 82 17.37 -5.03 12.54
C GLU B 82 17.77 -4.93 11.08
N CYS B 83 16.81 -4.93 10.18
CA CYS B 83 17.11 -4.93 8.74
C CYS B 83 17.05 -3.49 8.26
N ASN B 84 18.13 -3.00 7.70
CA ASN B 84 18.36 -1.58 7.31
C ASN B 84 18.24 -1.45 5.79
N PHE B 85 18.06 -2.56 5.06
CA PHE B 85 18.22 -2.59 3.58
C PHE B 85 16.92 -2.96 2.83
N LEU B 86 15.79 -3.04 3.52
CA LEU B 86 14.47 -3.17 2.84
C LEU B 86 13.61 -2.02 3.33
N PHE B 87 12.77 -1.48 2.49
CA PHE B 87 12.03 -0.21 2.71
C PHE B 87 10.58 -0.47 2.35
N THR B 88 9.72 0.48 2.64
CA THR B 88 8.26 0.37 2.40
C THR B 88 7.96 -0.05 0.95
N ASP B 89 8.61 0.54 -0.04
CA ASP B 89 8.20 0.26 -1.44
C ASP B 89 8.87 -1.00 -2.00
N ASN B 90 9.70 -1.71 -1.24
CA ASN B 90 10.09 -3.09 -1.60
C ASN B 90 8.92 -4.07 -1.45
N PHE B 91 7.79 -3.66 -0.87
CA PHE B 91 6.62 -4.54 -0.60
C PHE B 91 5.37 -3.96 -1.24
N SER B 92 4.51 -4.85 -1.74
CA SER B 92 3.16 -4.47 -2.23
C SER B 92 2.13 -5.49 -1.77
N PHE B 93 0.99 -4.98 -1.31
CA PHE B 93 -0.17 -5.76 -0.83
C PHE B 93 -1.31 -5.70 -1.86
N ASN B 94 -1.01 -5.27 -3.08
CA ASN B 94 -1.99 -5.13 -4.18
C ASN B 94 -2.07 -6.46 -4.93
N THR B 95 -3.24 -7.06 -4.89
CA THR B 95 -3.65 -8.36 -5.49
C THR B 95 -3.44 -8.37 -7.01
N TYR B 96 -3.32 -7.21 -7.68
CA TYR B 96 -3.16 -7.12 -9.16
C TYR B 96 -1.72 -6.79 -9.55
N VAL B 97 -0.87 -6.46 -8.59
CA VAL B 97 0.57 -6.28 -8.88
C VAL B 97 1.20 -7.68 -8.99
N GLN B 98 1.87 -7.96 -10.11
CA GLN B 98 2.76 -9.13 -10.26
C GLN B 98 4.19 -8.58 -10.18
N LEU B 99 4.98 -9.11 -9.25
CA LEU B 99 6.34 -8.59 -8.96
C LEU B 99 7.21 -8.68 -10.22
N ALA B 100 7.04 -9.75 -11.03
CA ALA B 100 7.83 -10.01 -12.25
C ALA B 100 7.45 -9.07 -13.41
N ARG B 101 6.27 -8.42 -13.36
CA ARG B 101 5.58 -7.88 -14.56
C ARG B 101 5.28 -6.37 -14.43
N ASN B 102 5.01 -5.89 -13.19
CA ASN B 102 4.66 -4.47 -12.89
C ASN B 102 5.89 -3.74 -12.35
N TYR B 103 7.01 -3.76 -13.07
CA TYR B 103 8.19 -2.88 -12.88
C TYR B 103 8.75 -2.52 -14.28
N SER C 9 18.59 19.82 7.20
CA SER C 9 18.28 21.26 7.48
C SER C 9 16.88 21.59 6.94
N LYS C 10 16.15 22.47 7.60
CA LYS C 10 14.78 22.84 7.17
C LYS C 10 14.86 23.54 5.80
N VAL C 11 13.91 23.27 4.92
CA VAL C 11 13.75 24.01 3.65
C VAL C 11 12.56 24.99 3.75
N TYR C 12 11.58 24.64 4.58
CA TYR C 12 10.35 25.41 4.79
C TYR C 12 10.26 25.84 6.25
N ASP C 13 9.57 26.96 6.49
CA ASP C 13 9.32 27.46 7.86
C ASP C 13 8.10 26.72 8.44
N SER C 14 7.69 27.10 9.64
CA SER C 14 6.67 26.37 10.42
C SER C 14 5.29 26.53 9.79
N GLN C 15 5.10 27.46 8.85
CA GLN C 15 3.79 27.66 8.18
C GLN C 15 3.82 27.04 6.78
N GLY C 16 4.95 26.47 6.34
CA GLY C 16 5.05 25.77 5.05
C GLY C 16 5.42 26.72 3.90
N LEU C 17 6.01 27.87 4.22
CA LEU C 17 6.58 28.80 3.21
C LEU C 17 8.06 28.45 3.04
N LEU C 18 8.61 28.54 1.82
CA LEU C 18 10.06 28.36 1.62
C LEU C 18 10.83 29.39 2.47
N ILE C 19 11.85 28.94 3.15
CA ILE C 19 12.70 29.84 3.97
C ILE C 19 13.39 30.86 3.05
N PHE C 20 13.92 30.41 1.92
CA PHE C 20 14.71 31.29 1.02
C PHE C 20 13.90 32.46 0.46
N SER C 21 12.68 32.22 -0.02
CA SER C 21 11.93 33.17 -0.87
C SER C 21 10.64 33.63 -0.18
N GLY C 22 10.19 32.93 0.86
CA GLY C 22 8.84 33.10 1.43
C GLY C 22 7.69 32.71 0.52
N MET C 23 7.93 32.01 -0.60
CA MET C 23 6.82 31.63 -1.51
C MET C 23 5.99 30.47 -0.90
N ASP C 24 4.70 30.49 -1.18
CA ASP C 24 3.69 29.52 -0.71
C ASP C 24 3.27 28.68 -1.91
N LEU C 25 3.89 27.53 -2.09
CA LEU C 25 3.89 26.80 -3.37
C LEU C 25 3.22 25.43 -3.17
N CYS C 26 2.27 25.13 -4.05
CA CYS C 26 1.66 23.79 -4.11
C CYS C 26 2.70 22.72 -4.48
N ASP C 27 2.67 21.58 -3.78
CA ASP C 27 3.53 20.41 -4.07
C ASP C 27 3.18 19.74 -5.41
N CYS C 28 2.19 20.18 -6.15
CA CYS C 28 1.92 19.65 -7.52
C CYS C 28 2.92 20.27 -8.52
N LEU C 29 3.65 21.29 -8.09
CA LEU C 29 4.75 22.02 -8.81
C LEU C 29 4.22 22.89 -9.94
N ASP C 30 2.92 23.13 -10.03
CA ASP C 30 2.41 24.24 -10.85
C ASP C 30 2.50 25.50 -9.97
N GLU C 31 3.39 26.44 -10.33
CA GLU C 31 3.69 27.64 -9.51
C GLU C 31 2.42 28.45 -9.24
N ASP C 32 1.43 28.40 -10.15
CA ASP C 32 0.19 29.21 -10.06
C ASP C 32 -0.97 28.44 -9.42
N CYS C 33 -0.76 27.20 -8.95
CA CYS C 33 -1.81 26.42 -8.26
C CYS C 33 -2.09 27.02 -6.87
N LEU C 34 -3.36 27.19 -6.54
CA LEU C 34 -3.86 27.70 -5.24
C LEU C 34 -3.91 26.54 -4.22
N GLY C 35 -3.57 25.32 -4.61
CA GLY C 35 -3.64 24.14 -3.73
C GLY C 35 -4.69 23.16 -4.22
N CYS C 36 -4.24 22.03 -4.76
CA CYS C 36 -5.14 21.04 -5.41
C CYS C 36 -5.30 19.78 -4.53
N PHE C 37 -4.77 19.75 -3.32
CA PHE C 37 -4.93 18.62 -2.38
C PHE C 37 -6.16 18.85 -1.51
N TYR C 38 -6.68 17.77 -0.90
CA TYR C 38 -7.54 17.90 0.29
C TYR C 38 -6.72 18.53 1.40
N ALA C 39 -7.36 19.15 2.39
CA ALA C 39 -6.67 19.79 3.53
C ALA C 39 -5.66 18.81 4.12
N CYS C 40 -4.43 19.32 4.30
CA CYS C 40 -3.34 18.57 4.96
C CYS C 40 -3.80 18.12 6.32
N PRO C 41 -3.69 16.82 6.71
CA PRO C 41 -4.07 16.44 8.09
C PRO C 41 -3.21 17.06 9.21
N ALA C 42 -2.02 17.59 8.92
CA ALA C 42 -1.14 18.22 9.93
C ALA C 42 -1.44 19.72 10.05
N CYS C 43 -1.46 20.46 8.94
CA CYS C 43 -1.56 21.95 8.97
C CYS C 43 -2.85 22.51 8.35
N GLY C 44 -3.65 21.74 7.62
CA GLY C 44 -4.87 22.25 7.00
C GLY C 44 -4.68 22.74 5.58
N SER C 45 -3.45 22.93 5.09
CA SER C 45 -3.20 23.51 3.75
C SER C 45 -3.61 22.54 2.65
N THR C 46 -4.08 23.08 1.54
CA THR C 46 -4.41 22.36 0.31
C THR C 46 -3.17 22.29 -0.59
N LYS C 47 -2.02 22.74 -0.10
CA LYS C 47 -0.79 22.81 -0.94
C LYS C 47 0.21 21.68 -0.55
N CYS C 48 0.03 21.01 0.57
CA CYS C 48 0.98 19.97 1.03
C CYS C 48 0.73 18.64 0.29
N GLY C 49 1.80 18.02 -0.15
CA GLY C 49 1.73 16.66 -0.71
C GLY C 49 1.72 15.58 0.34
N ALA C 50 2.50 14.55 0.06
CA ALA C 50 2.64 13.30 0.83
C ALA C 50 3.05 13.58 2.26
N GLU C 51 3.93 14.55 2.44
CA GLU C 51 4.39 14.99 3.77
C GLU C 51 4.16 16.49 3.87
N CYS C 52 3.74 16.93 5.05
CA CYS C 52 3.37 18.34 5.33
C CYS C 52 4.58 19.22 4.99
N ARG C 53 4.32 20.39 4.37
CA ARG C 53 5.40 21.33 4.04
C ARG C 53 5.98 21.91 5.33
N CYS C 54 5.19 22.05 6.40
CA CYS C 54 5.67 22.79 7.61
C CYS C 54 7.00 22.18 8.16
N ASP C 55 8.06 22.99 8.25
CA ASP C 55 9.41 22.57 8.72
C ASP C 55 9.93 21.33 7.95
N ARG C 56 9.51 21.10 6.71
CA ARG C 56 10.03 19.96 5.92
C ARG C 56 11.49 20.20 5.54
N LYS C 57 12.26 19.09 5.43
CA LYS C 57 13.72 19.18 5.18
C LYS C 57 14.03 18.94 3.71
N TRP C 58 13.03 18.98 2.84
CA TRP C 58 13.22 18.73 1.40
C TRP C 58 12.09 19.35 0.61
N LEU C 59 12.26 19.44 -0.71
CA LEU C 59 11.20 19.90 -1.65
C LEU C 59 11.17 18.91 -2.82
N TYR C 60 10.12 18.97 -3.64
CA TYR C 60 10.09 18.14 -4.88
C TYR C 60 10.92 18.84 -5.96
N GLU C 61 11.84 18.13 -6.57
CA GLU C 61 12.67 18.72 -7.67
C GLU C 61 11.94 18.45 -8.99
N GLN C 62 11.20 17.35 -9.12
CA GLN C 62 10.42 17.09 -10.36
C GLN C 62 9.31 16.08 -10.09
N ILE C 63 8.34 16.03 -10.99
CA ILE C 63 7.22 15.05 -11.00
C ILE C 63 7.13 14.45 -12.41
N GLU C 64 7.23 13.12 -12.50
CA GLU C 64 7.07 12.38 -13.77
C GLU C 64 5.63 11.90 -13.87
N ILE C 65 4.93 12.31 -14.92
CA ILE C 65 3.59 11.75 -15.28
C ILE C 65 3.83 10.37 -15.89
N GLU C 66 3.18 9.32 -15.40
CA GLU C 66 3.42 7.94 -15.92
C GLU C 66 2.91 7.91 -17.36
N GLY C 67 3.76 7.49 -18.32
CA GLY C 67 3.44 7.55 -19.76
C GLY C 67 3.22 8.97 -20.25
N GLY C 68 4.01 9.91 -19.74
CA GLY C 68 3.88 11.35 -20.04
C GLY C 68 5.12 12.13 -19.65
N GLU C 69 4.96 13.43 -19.48
CA GLU C 69 6.05 14.42 -19.34
C GLU C 69 6.65 14.40 -17.92
N ILE C 70 7.89 14.87 -17.81
CA ILE C 70 8.49 15.39 -16.55
C ILE C 70 7.99 16.83 -16.34
N ILE C 71 7.52 17.17 -15.13
CA ILE C 71 7.28 18.55 -14.62
C ILE C 71 8.48 18.91 -13.73
N HIS C 72 9.17 20.03 -13.98
CA HIS C 72 10.31 20.50 -13.17
C HIS C 72 9.84 21.58 -12.20
N ASN C 73 10.38 21.55 -11.00
CA ASN C 73 10.18 22.65 -10.03
C ASN C 73 10.90 23.88 -10.61
N LYS C 74 10.14 24.94 -10.91
CA LYS C 74 10.67 26.23 -11.44
C LYS C 74 11.56 26.93 -10.40
N HIS C 75 11.57 26.47 -9.15
CA HIS C 75 12.25 27.18 -8.05
C HIS C 75 13.64 26.57 -7.81
N ALA C 76 13.73 25.26 -7.50
CA ALA C 76 15.00 24.54 -7.20
C ALA C 76 16.00 24.65 -8.36
N LEU D 9 -3.58 18.62 -16.04
CA LEU D 9 -4.83 18.55 -15.18
C LEU D 9 -4.78 19.66 -14.11
N SER D 10 -5.06 20.90 -14.53
CA SER D 10 -5.12 22.09 -13.65
C SER D 10 -6.32 21.98 -12.73
N TYR D 11 -6.20 22.51 -11.52
CA TYR D 11 -7.28 22.57 -10.53
C TYR D 11 -7.77 24.00 -10.31
N GLN D 12 -9.08 24.15 -10.13
CA GLN D 12 -9.73 25.39 -9.60
C GLN D 12 -10.56 24.97 -8.39
N SER D 13 -10.39 25.66 -7.28
CA SER D 13 -11.10 25.41 -6.00
C SER D 13 -12.54 25.03 -6.35
N HIS D 14 -13.04 23.94 -5.77
CA HIS D 14 -14.41 23.44 -6.02
C HIS D 14 -14.67 22.23 -5.13
N ASP D 15 -15.96 21.87 -5.00
CA ASP D 15 -16.46 20.75 -4.18
C ASP D 15 -16.76 19.60 -5.13
N CYS D 16 -16.14 18.44 -4.90
CA CYS D 16 -16.21 17.33 -5.87
C CYS D 16 -17.64 16.78 -5.89
N SER D 17 -18.08 16.25 -7.04
CA SER D 17 -19.44 15.75 -7.33
C SER D 17 -19.36 14.60 -8.33
N GLY D 18 -20.50 13.97 -8.65
CA GLY D 18 -20.54 13.04 -9.78
C GLY D 18 -20.10 13.72 -11.08
N ALA D 19 -20.38 15.02 -11.20
CA ALA D 19 -19.95 15.85 -12.35
C ALA D 19 -18.46 15.59 -12.65
N CYS D 20 -17.61 15.48 -11.62
CA CYS D 20 -16.15 15.53 -11.81
C CYS D 20 -15.68 14.29 -12.58
N LEU D 21 -16.49 13.20 -12.62
CA LEU D 21 -16.05 11.85 -13.08
C LEU D 21 -17.15 11.16 -13.89
N ASN D 32 -6.43 -4.88 -17.61
CA ASN D 32 -5.40 -4.69 -16.54
C ASN D 32 -5.97 -3.71 -15.52
N PRO D 33 -6.42 -4.19 -14.35
CA PRO D 33 -7.12 -3.34 -13.39
C PRO D 33 -6.30 -2.11 -12.96
N LEU D 34 -4.97 -2.16 -12.98
CA LEU D 34 -4.09 -1.04 -12.57
C LEU D 34 -4.22 0.12 -13.58
N GLN D 35 -4.66 -0.17 -14.82
CA GLN D 35 -4.78 0.86 -15.88
C GLN D 35 -6.16 1.48 -15.88
N LEU D 36 -7.13 0.95 -15.13
CA LEU D 36 -8.54 1.43 -15.22
C LEU D 36 -8.67 2.90 -14.80
N PRO D 37 -8.06 3.37 -13.68
CA PRO D 37 -8.12 4.81 -13.38
C PRO D 37 -7.54 5.69 -14.51
N ILE D 38 -6.49 5.22 -15.18
CA ILE D 38 -5.79 5.91 -16.31
C ILE D 38 -6.77 6.00 -17.50
N LYS D 39 -7.48 4.91 -17.79
CA LYS D 39 -8.59 4.89 -18.80
C LYS D 39 -9.67 5.90 -18.41
N CYS D 40 -9.93 6.11 -17.12
CA CYS D 40 -10.95 7.04 -16.57
C CYS D 40 -10.39 8.47 -16.45
N HIS D 41 -9.17 8.72 -16.95
CA HIS D 41 -8.56 10.08 -17.07
C HIS D 41 -8.06 10.56 -15.70
N PHE D 42 -7.76 9.63 -14.77
CA PHE D 42 -6.77 9.90 -13.69
C PHE D 42 -5.38 9.85 -14.31
N GLN D 43 -4.46 10.50 -13.64
CA GLN D 43 -3.01 10.48 -13.93
C GLN D 43 -2.30 9.97 -12.70
N ARG D 44 -1.29 9.15 -12.88
CA ARG D 44 -0.44 8.69 -11.76
C ARG D 44 0.87 9.43 -11.91
N ARG D 45 1.32 10.07 -10.83
CA ARG D 45 2.53 10.92 -10.83
C ARG D 45 3.55 10.40 -9.81
N HIS D 46 4.84 10.53 -10.15
CA HIS D 46 5.99 10.13 -9.33
C HIS D 46 6.80 11.37 -9.01
N ALA D 47 6.85 11.76 -7.74
CA ALA D 47 7.47 13.01 -7.28
C ALA D 47 8.83 12.67 -6.67
N LYS D 48 9.90 13.29 -7.19
CA LYS D 48 11.30 13.04 -6.76
C LYS D 48 11.72 14.19 -5.84
N THR D 49 12.10 13.88 -4.59
CA THR D 49 12.51 14.86 -3.57
C THR D 49 13.99 15.16 -3.78
N ASN D 50 14.50 16.21 -3.13
CA ASN D 50 15.91 16.66 -3.29
C ASN D 50 16.78 16.23 -2.09
N SER D 51 16.31 15.34 -1.21
CA SER D 51 17.16 14.66 -0.20
C SER D 51 18.40 14.07 -0.91
N HIS D 52 19.58 14.07 -0.28
CA HIS D 52 20.85 13.56 -0.88
C HIS D 52 20.66 12.09 -1.27
N SER D 53 20.25 11.23 -0.33
CA SER D 53 19.59 9.93 -0.60
C SER D 53 18.08 10.16 -0.62
N SER D 54 17.52 10.37 -1.83
CA SER D 54 16.21 11.01 -2.07
C SER D 54 15.06 9.99 -2.07
N ALA D 55 13.85 10.49 -1.81
CA ALA D 55 12.57 9.74 -1.73
C ALA D 55 11.76 9.99 -3.03
N LEU D 56 10.97 9.01 -3.41
CA LEU D 56 9.91 9.11 -4.44
C LEU D 56 8.56 9.06 -3.71
N HIS D 57 7.56 9.79 -4.19
CA HIS D 57 6.16 9.71 -3.68
C HIS D 57 5.24 9.62 -4.86
N VAL D 58 4.37 8.63 -4.87
CA VAL D 58 3.28 8.52 -5.86
C VAL D 58 2.13 9.40 -5.41
N SER D 59 1.51 10.06 -6.36
CA SER D 59 0.17 10.65 -6.14
C SER D 59 -0.66 10.37 -7.38
N TYR D 60 -1.96 10.56 -7.27
CA TYR D 60 -2.87 10.50 -8.43
C TYR D 60 -3.49 11.88 -8.56
N LYS D 61 -3.54 12.40 -9.78
CA LYS D 61 -4.42 13.51 -10.21
C LYS D 61 -5.72 12.90 -10.69
N THR D 62 -6.82 13.44 -10.24
CA THR D 62 -8.19 13.07 -10.68
C THR D 62 -8.48 13.79 -12.01
N PRO D 63 -9.54 13.34 -12.72
CA PRO D 63 -10.01 14.05 -13.92
C PRO D 63 -10.28 15.54 -13.71
N CYS D 64 -10.80 15.97 -12.55
CA CYS D 64 -11.07 17.37 -12.10
C CYS D 64 -9.84 18.07 -11.48
N GLY D 65 -8.65 17.48 -11.57
CA GLY D 65 -7.35 18.10 -11.22
C GLY D 65 -7.01 18.07 -9.74
N ARG D 66 -7.77 17.35 -8.93
CA ARG D 66 -7.43 17.18 -7.50
C ARG D 66 -6.26 16.20 -7.36
N SER D 67 -5.34 16.51 -6.45
CA SER D 67 -4.20 15.64 -6.11
C SER D 67 -4.61 14.77 -4.91
N LEU D 68 -4.33 13.47 -4.97
CA LEU D 68 -4.64 12.51 -3.87
C LEU D 68 -3.33 11.91 -3.36
N ARG D 69 -3.14 11.94 -2.05
CA ARG D 69 -1.86 11.56 -1.42
C ARG D 69 -1.76 10.07 -1.12
N ASN D 70 -2.89 9.37 -0.96
CA ASN D 70 -2.91 7.99 -0.41
C ASN D 70 -4.26 7.34 -0.69
N VAL D 71 -4.43 6.06 -0.35
CA VAL D 71 -5.67 5.32 -0.72
C VAL D 71 -6.86 5.81 0.08
N GLU D 72 -6.67 6.32 1.31
CA GLU D 72 -7.76 6.91 2.13
C GLU D 72 -8.32 8.13 1.39
N GLU D 73 -7.47 8.90 0.76
CA GLU D 73 -7.95 10.09 -0.02
C GLU D 73 -8.59 9.63 -1.33
N VAL D 74 -8.10 8.57 -1.96
CA VAL D 74 -8.81 7.98 -3.12
C VAL D 74 -10.23 7.61 -2.70
N PHE D 75 -10.39 6.98 -1.54
CA PHE D 75 -11.70 6.55 -1.00
C PHE D 75 -12.60 7.79 -0.82
N ARG D 76 -12.07 8.82 -0.18
CA ARG D 76 -12.78 10.11 0.03
C ARG D 76 -13.26 10.61 -1.34
N TYR D 77 -12.39 10.64 -2.34
CA TYR D 77 -12.74 11.18 -3.68
C TYR D 77 -13.86 10.34 -4.33
N LEU D 78 -13.75 9.01 -4.30
CA LEU D 78 -14.77 8.11 -4.91
C LEU D 78 -16.11 8.23 -4.19
N LEU D 79 -16.10 8.50 -2.88
CA LEU D 79 -17.32 8.79 -2.08
C LEU D 79 -17.93 10.13 -2.53
N GLU D 80 -17.13 11.19 -2.63
CA GLU D 80 -17.65 12.53 -3.07
C GLU D 80 -18.16 12.43 -4.52
N THR D 81 -17.56 11.63 -5.40
CA THR D 81 -17.91 11.57 -6.84
C THR D 81 -18.93 10.43 -7.11
N GLU D 82 -19.33 9.73 -6.06
CA GLU D 82 -20.27 8.57 -6.13
C GLU D 82 -19.81 7.57 -7.19
N CYS D 83 -18.49 7.38 -7.34
CA CYS D 83 -17.92 6.37 -8.25
C CYS D 83 -17.78 5.08 -7.45
N ASN D 84 -18.56 4.06 -7.73
CA ASN D 84 -18.42 2.83 -6.93
C ASN D 84 -18.12 1.69 -7.90
N PHE D 85 -17.45 2.00 -9.03
CA PHE D 85 -16.88 1.05 -10.02
C PHE D 85 -15.35 1.10 -10.06
N LEU D 86 -14.71 1.82 -9.12
CA LEU D 86 -13.26 1.71 -8.93
C LEU D 86 -13.03 1.27 -7.50
N PHE D 87 -12.02 0.42 -7.29
CA PHE D 87 -11.77 -0.31 -6.03
C PHE D 87 -10.35 0.01 -5.56
N THR D 88 -10.05 -0.40 -4.33
CA THR D 88 -8.76 -0.04 -3.70
C THR D 88 -7.62 -0.60 -4.57
N ASP D 89 -7.75 -1.81 -5.11
CA ASP D 89 -6.58 -2.38 -5.80
C ASP D 89 -6.51 -1.90 -7.27
N ASN D 90 -7.43 -1.04 -7.70
CA ASN D 90 -7.25 -0.30 -8.98
C ASN D 90 -6.12 0.75 -8.84
N PHE D 91 -5.68 1.04 -7.62
CA PHE D 91 -4.68 2.09 -7.34
C PHE D 91 -3.46 1.45 -6.68
N SER D 92 -2.27 1.97 -6.98
CA SER D 92 -1.03 1.65 -6.25
C SER D 92 -0.27 2.93 -5.92
N PHE D 93 0.21 3.07 -4.67
CA PHE D 93 1.02 4.24 -4.27
C PHE D 93 2.47 3.80 -4.10
N ASN D 94 2.83 2.65 -4.68
CA ASN D 94 4.19 2.06 -4.62
C ASN D 94 5.02 2.63 -5.80
N THR D 95 6.08 3.32 -5.45
CA THR D 95 6.93 4.10 -6.38
C THR D 95 7.61 3.15 -7.38
N TYR D 96 7.72 1.86 -7.06
CA TYR D 96 8.42 0.86 -7.92
C TYR D 96 7.43 0.04 -8.73
N VAL D 97 6.13 0.33 -8.63
CA VAL D 97 5.07 -0.40 -9.38
C VAL D 97 4.85 0.41 -10.62
N GLN D 98 4.92 -0.24 -11.78
CA GLN D 98 4.51 0.32 -13.09
C GLN D 98 3.15 -0.29 -13.42
N LEU D 99 2.16 0.53 -13.77
CA LEU D 99 0.77 0.08 -14.03
C LEU D 99 0.77 -0.89 -15.23
N ALA D 100 1.57 -0.59 -16.27
CA ALA D 100 1.72 -1.42 -17.50
C ALA D 100 2.57 -2.67 -17.21
N ARG D 101 2.17 -3.81 -17.80
CA ARG D 101 2.94 -5.10 -17.83
C ARG D 101 3.93 -5.09 -19.01
ZN ZN E . 0.66 -20.49 9.85
ZN ZN F . -8.53 -13.01 15.09
S SO4 G . -20.29 -19.35 19.35
O1 SO4 G . -21.08 -20.55 19.39
O2 SO4 G . -19.01 -19.59 19.99
O3 SO4 G . -20.10 -18.92 17.99
O4 SO4 G . -21.01 -18.32 20.07
ZN ZN H . 11.75 -14.61 13.05
S SO4 I . 0.51 -1.07 -3.23
O1 SO4 I . -0.62 -1.77 -2.73
O2 SO4 I . 1.61 -1.21 -2.28
O3 SO4 I . 0.95 -1.59 -4.49
O4 SO4 I . 0.13 0.32 -3.35
S SO4 J . 2.80 -11.05 19.10
O1 SO4 J . 2.44 -12.40 18.79
O2 SO4 J . 4.24 -11.00 19.32
O3 SO4 J . 2.08 -10.59 20.28
O4 SO4 J . 2.41 -10.16 18.04
ZN ZN K . -1.52 22.03 -6.92
ZN ZN L . 0.73 20.54 5.80
S SO4 M . 9.98 29.14 11.76
O1 SO4 M . 10.05 28.06 12.71
O2 SO4 M . 10.99 28.91 10.76
O3 SO4 M . 8.69 29.21 11.15
O4 SO4 M . 10.21 30.39 12.44
S SO4 N . -4.22 26.96 1.92
O1 SO4 N . -4.36 27.44 3.27
O2 SO4 N . -2.87 26.49 1.72
O3 SO4 N . -4.47 28.04 0.98
O4 SO4 N . -5.19 25.90 1.70
ZN ZN O . -13.66 17.44 -8.42
S SO4 P . -10.97 20.00 2.30
O1 SO4 P . -10.26 18.80 2.62
O2 SO4 P . -11.13 20.77 3.50
O3 SO4 P . -12.28 19.65 1.79
O4 SO4 P . -10.26 20.72 1.29
#